data_1Y4L
#
_entry.id   1Y4L
#
_cell.length_a   49.199
_cell.length_b   64.037
_cell.length_c   85.990
_cell.angle_alpha   90.00
_cell.angle_beta   90.00
_cell.angle_gamma   90.00
#
_symmetry.space_group_name_H-M   'P 21 21 21'
#
loop_
_entity.id
_entity.type
_entity.pdbx_description
1 polymer 'Phospholipase A2 homolog 2'
2 non-polymer 3,6,9,12,15,18-HEXAOXAICOSANE-1,20-DIOL
3 non-polymer 'ISOPROPYL ALCOHOL'
4 non-polymer "8,8'-[CARBONYLBIS[IMINO-3,1-PHENYLENECARBONYLIMINO(4-METHYL-3,1-PHENYLENE)CARBONYLIMINO]]BIS-1,3,5-NAPHTHALENETRISULFON IC ACID"
5 water water
#
_entity_poly.entity_id   1
_entity_poly.type   'polypeptide(L)'
_entity_poly.pdbx_seq_one_letter_code
;SLFELGKMILQETGKNPAKSYGAYGCNCGVLGRGKPKDATDRCCYVHKCCYKKLTGCNPKKDRYSYSWKDKTIVCGENNS
CLKELCECDKAVAICLRENLNTYNKKYRYYLKPLCKKADAC
;
_entity_poly.pdbx_strand_id   A,B
#
loop_
_chem_comp.id
_chem_comp.type
_chem_comp.name
_chem_comp.formula
IPA non-polymer 'ISOPROPYL ALCOHOL' 'C3 H8 O'
P33 non-polymer 3,6,9,12,15,18-HEXAOXAICOSANE-1,20-DIOL 'C14 H30 O8'
SVR non-polymer '8,8'-[CARBONYLBIS[IMINO-3,1-PHENYLENECARBONYLIMINO(4-METHYL-3,1-PHENYLENE)CARBONYLIMINO]]BIS-1,3,5-NAPHTHALENETRISULFON IC ACID' 'C51 H40 N6 O23 S6'
#
# COMPACT_ATOMS: atom_id res chain seq x y z
N SER A 1 12.13 -2.00 5.89
CA SER A 1 11.27 -1.79 4.69
C SER A 1 9.95 -2.51 4.88
N LEU A 2 9.03 -2.33 3.95
CA LEU A 2 7.74 -2.98 4.06
C LEU A 2 7.91 -4.49 4.12
N PHE A 3 9.00 -5.00 3.55
CA PHE A 3 9.23 -6.44 3.60
C PHE A 3 9.42 -6.91 5.04
N GLU A 4 10.29 -6.23 5.77
CA GLU A 4 10.53 -6.59 7.18
C GLU A 4 9.27 -6.36 7.99
N LEU A 5 8.60 -5.25 7.73
CA LEU A 5 7.37 -4.92 8.48
C LEU A 5 6.31 -5.98 8.28
N GLY A 6 6.06 -6.33 7.03
CA GLY A 6 5.08 -7.40 6.75
C GLY A 6 5.47 -8.71 7.40
N LYS A 7 6.75 -9.03 7.37
CA LYS A 7 7.17 -10.30 7.94
C LYS A 7 6.91 -10.27 9.44
N MET A 8 7.26 -9.14 10.07
CA MET A 8 6.98 -9.02 11.52
C MET A 8 5.52 -9.13 11.85
N ILE A 9 4.68 -8.44 11.08
CA ILE A 9 3.24 -8.56 11.32
C ILE A 9 2.76 -10.00 11.17
N LEU A 10 3.23 -10.68 10.13
CA LEU A 10 2.86 -12.07 9.93
C LEU A 10 3.29 -12.92 11.14
N GLN A 11 4.52 -12.71 11.56
CA GLN A 11 5.08 -13.44 12.67
C GLN A 11 4.32 -13.25 13.97
N GLU A 12 3.97 -12.01 14.25
CA GLU A 12 3.28 -11.75 15.53
C GLU A 12 1.87 -12.21 15.46
N THR A 13 1.22 -11.86 14.37
CA THR A 13 -0.20 -11.90 14.27
C THR A 13 -0.69 -13.24 13.67
N GLY A 14 0.15 -13.84 12.84
CA GLY A 14 -0.24 -15.07 12.13
C GLY A 14 -1.11 -14.77 10.93
N LYS A 15 -1.29 -13.48 10.64
CA LYS A 15 -2.20 -13.08 9.56
C LYS A 15 -1.40 -12.57 8.38
N ASN A 16 -1.94 -12.84 7.20
CA ASN A 16 -1.50 -12.20 5.98
C ASN A 16 -1.52 -10.69 6.19
N PRO A 17 -0.33 -10.06 6.26
CA PRO A 17 -0.28 -8.66 6.63
C PRO A 17 -0.94 -7.78 5.58
N ALA A 18 -0.76 -8.10 4.31
CA ALA A 18 -1.39 -7.30 3.25
C ALA A 18 -2.90 -7.37 3.38
N LYS A 19 -3.42 -8.57 3.55
CA LYS A 19 -4.85 -8.76 3.63
C LYS A 19 -5.46 -8.13 4.88
N SER A 20 -4.87 -8.39 6.05
CA SER A 20 -5.50 -7.93 7.28
C SER A 20 -5.23 -6.47 7.60
N TYR A 21 -3.93 -5.98 7.15
CA TYR A 21 -3.53 -4.69 7.65
C TYR A 21 -3.09 -3.78 6.54
N GLY A 22 -3.20 -4.23 5.28
CA GLY A 22 -2.73 -3.37 4.18
C GLY A 22 -3.67 -2.20 3.94
N ALA A 23 -4.90 -2.35 4.40
CA ALA A 23 -5.92 -1.33 4.31
C ALA A 23 -6.88 -1.69 5.41
N TYR A 24 -6.56 -1.23 6.60
CA TYR A 24 -7.47 -1.38 7.68
C TYR A 24 -7.66 -0.03 8.33
N GLY A 25 -8.91 0.33 8.56
CA GLY A 25 -9.21 1.57 9.23
C GLY A 25 -8.56 2.79 8.60
N CYS A 26 -8.31 3.77 9.44
CA CYS A 26 -7.82 5.07 8.99
C CYS A 26 -6.31 5.14 8.93
N ASN A 27 -5.63 4.16 9.54
CA ASN A 27 -4.17 4.26 9.71
C ASN A 27 -3.32 3.14 9.17
N CYS A 28 -3.89 1.95 9.02
CA CYS A 28 -3.09 0.84 8.55
C CYS A 28 -3.10 0.88 7.06
N GLY A 29 -1.94 1.09 6.45
CA GLY A 29 -1.87 1.04 4.99
C GLY A 29 -1.37 2.34 4.42
N VAL A 30 -1.91 2.70 3.26
CA VAL A 30 -1.37 3.76 2.45
C VAL A 30 -1.49 5.13 3.09
N LEU A 31 -0.59 6.01 2.68
CA LEU A 31 -0.67 7.42 3.03
C LEU A 31 -0.59 7.62 4.53
N GLY A 32 -1.24 8.67 5.03
CA GLY A 32 -1.01 9.09 6.39
C GLY A 32 -1.96 8.54 7.43
N ARG A 33 -2.14 9.35 8.46
CA ARG A 33 -2.94 8.95 9.61
C ARG A 33 -4.34 9.53 9.51
N GLY A 34 -5.20 9.07 10.40
CA GLY A 34 -6.53 9.62 10.57
C GLY A 34 -6.95 9.22 11.95
N LYS A 35 -8.05 9.78 12.45
CA LYS A 35 -8.54 9.40 13.76
C LYS A 35 -8.77 7.88 13.75
N PRO A 36 -8.16 7.15 14.71
CA PRO A 36 -8.31 5.69 14.62
C PRO A 36 -9.73 5.16 14.87
N LYS A 37 -10.06 4.08 14.17
CA LYS A 37 -11.38 3.50 14.27
C LYS A 37 -11.49 2.56 15.46
N ASP A 38 -10.38 1.93 15.85
CA ASP A 38 -10.37 1.00 16.97
C ASP A 38 -8.93 0.80 17.42
N ALA A 39 -8.70 -0.18 18.30
CA ALA A 39 -7.36 -0.41 18.84
C ALA A 39 -6.37 -0.79 17.75
N THR A 40 -6.77 -1.73 16.90
CA THR A 40 -5.93 -2.17 15.78
C THR A 40 -5.51 -0.97 14.98
N ASP A 41 -6.48 -0.16 14.64
CA ASP A 41 -6.18 1.03 13.86
C ASP A 41 -5.22 1.96 14.61
N ARG A 42 -5.42 2.09 15.92
CA ARG A 42 -4.54 2.95 16.72
C ARG A 42 -3.10 2.45 16.68
N CYS A 43 -2.93 1.13 16.61
CA CYS A 43 -1.57 0.58 16.49
C CYS A 43 -0.89 1.20 15.29
N CYS A 44 -1.63 1.26 14.19
CA CYS A 44 -1.07 1.77 12.93
C CYS A 44 -0.83 3.25 12.99
N TYR A 45 -1.72 3.92 13.70
CA TYR A 45 -1.57 5.34 14.03
C TYR A 45 -0.26 5.60 14.76
N VAL A 46 -0.01 4.83 15.83
CA VAL A 46 1.17 5.01 16.64
C VAL A 46 2.38 4.72 15.76
N HIS A 47 2.25 3.74 14.89
CA HIS A 47 3.34 3.32 14.03
C HIS A 47 3.75 4.44 13.07
N LYS A 48 2.76 5.08 12.46
CA LYS A 48 3.03 6.17 11.55
C LYS A 48 3.63 7.36 12.31
N CYS A 49 3.19 7.59 13.54
CA CYS A 49 3.84 8.59 14.40
C CYS A 49 5.30 8.19 14.68
N CYS A 50 5.52 6.90 14.90
CA CYS A 50 6.83 6.40 15.20
C CYS A 50 7.76 6.68 14.04
N TYR A 51 7.28 6.49 12.80
CA TYR A 51 8.07 6.74 11.61
C TYR A 51 8.54 8.20 11.52
N LYS A 52 7.76 9.12 12.08
CA LYS A 52 8.11 10.54 11.98
C LYS A 52 9.43 10.79 12.66
N LYS A 53 9.86 9.98 13.76
CA LYS A 53 11.07 10.43 14.42
C LYS A 53 12.32 9.96 13.66
N LEU A 54 12.10 9.19 12.60
CA LEU A 54 13.21 8.66 11.80
C LEU A 54 13.79 9.75 10.92
N THR A 55 15.12 9.89 10.89
CA THR A 55 15.65 10.98 10.06
C THR A 55 16.58 10.60 8.91
N GLY A 56 17.58 9.79 9.16
CA GLY A 56 18.51 9.40 8.11
C GLY A 56 18.16 8.12 7.37
N CYS A 57 16.89 7.72 7.40
CA CYS A 57 16.49 6.50 6.67
C CYS A 57 15.01 6.47 6.34
N ASN A 58 14.91 5.52 5.19
CA ASN A 58 13.61 5.49 4.55
C ASN A 58 12.85 4.27 5.03
N PRO A 59 11.74 4.48 5.77
CA PRO A 59 10.98 3.37 6.34
C PRO A 59 10.45 2.40 5.29
N LYS A 60 10.07 2.92 4.11
CA LYS A 60 9.44 2.04 3.14
C LYS A 60 10.44 1.15 2.44
N LYS A 61 11.60 1.73 2.13
CA LYS A 61 12.54 1.10 1.22
C LYS A 61 13.72 0.43 1.89
N ASP A 62 14.21 1.02 2.97
CA ASP A 62 15.44 0.57 3.62
C ASP A 62 15.25 -0.75 4.35
N ARG A 63 16.12 -1.71 4.04
CA ARG A 63 16.06 -3.02 4.69
C ARG A 63 16.81 -2.91 6.01
N TYR A 64 16.46 -3.75 6.96
CA TYR A 64 17.24 -3.81 8.15
C TYR A 64 17.21 -5.25 8.63
N SER A 65 18.05 -5.54 9.60
CA SER A 65 18.15 -6.92 10.06
C SER A 65 17.41 -7.10 11.38
N TYR A 66 16.70 -8.21 11.48
CA TYR A 66 16.19 -8.60 12.78
C TYR A 66 16.12 -10.09 12.77
N SER A 67 15.91 -10.66 13.94
CA SER A 67 15.87 -12.09 14.06
C SER A 67 14.67 -12.43 14.91
N TRP A 68 14.23 -13.67 14.79
CA TRP A 68 13.12 -14.21 15.57
C TRP A 68 13.81 -15.10 16.59
N LYS A 69 13.79 -14.64 17.84
CA LYS A 69 14.48 -15.35 18.92
C LYS A 69 13.45 -15.64 20.00
N ASP A 70 13.30 -16.91 20.32
CA ASP A 70 12.30 -17.33 21.27
C ASP A 70 10.97 -16.65 20.98
N LYS A 71 10.58 -16.68 19.73
CA LYS A 71 9.32 -16.08 19.29
C LYS A 71 9.14 -14.65 19.71
N THR A 72 10.23 -13.88 19.60
CA THR A 72 10.18 -12.45 19.75
C THR A 72 11.00 -11.87 18.61
N ILE A 73 10.61 -10.68 18.21
CA ILE A 73 11.35 -9.94 17.22
C ILE A 73 12.50 -9.24 17.91
N VAL A 74 13.72 -9.49 17.44
CA VAL A 74 14.86 -8.88 18.06
C VAL A 74 15.57 -8.06 16.99
N CYS A 75 15.53 -6.74 17.14
CA CYS A 75 16.11 -5.89 16.13
C CYS A 75 17.62 -6.02 16.21
N GLY A 76 18.42 -6.16 14.83
CA GLY A 76 19.86 -6.21 14.70
C GLY A 76 20.44 -4.87 15.08
N GLU A 77 21.70 -4.86 15.48
CA GLU A 77 22.37 -3.63 15.85
C GLU A 77 22.01 -2.46 14.93
N ASN A 78 22.06 -2.67 13.62
CA ASN A 78 21.72 -1.61 12.63
C ASN A 78 22.31 -0.22 13.02
N ASN A 79 22.17 0.77 12.15
CA ASN A 79 22.47 2.14 12.58
C ASN A 79 21.28 2.73 13.34
N SER A 80 21.44 3.93 13.89
CA SER A 80 20.42 4.54 14.74
C SER A 80 19.04 4.55 14.10
N CYS A 81 18.96 5.09 12.88
CA CYS A 81 17.70 5.20 12.19
C CYS A 81 17.10 3.82 11.90
N LEU A 82 17.90 2.92 11.34
CA LEU A 82 17.37 1.58 11.06
C LEU A 82 16.98 0.83 12.32
N LYS A 83 17.76 1.00 13.38
CA LYS A 83 17.37 0.42 14.66
C LYS A 83 15.99 0.91 15.09
N GLU A 84 15.82 2.23 15.09
CA GLU A 84 14.55 2.78 15.51
C GLU A 84 13.43 2.39 14.56
N LEU A 85 13.74 2.27 13.27
CA LEU A 85 12.76 1.84 12.29
C LEU A 85 12.31 0.43 12.65
N CYS A 86 13.29 -0.44 12.83
CA CYS A 86 13.02 -1.79 13.25
C CYS A 86 12.14 -1.82 14.50
N GLU A 87 12.42 -0.95 15.45
CA GLU A 87 11.69 -0.99 16.69
C GLU A 87 10.28 -0.44 16.44
N CYS A 88 10.13 0.54 15.55
CA CYS A 88 8.79 1.00 15.20
C CYS A 88 7.98 -0.19 14.65
N ASP A 89 8.60 -0.92 13.74
CA ASP A 89 7.92 -2.02 13.08
C ASP A 89 7.58 -3.14 14.05
N LYS A 90 8.54 -3.47 14.90
CA LYS A 90 8.31 -4.46 15.95
C LYS A 90 7.12 -4.05 16.79
N ALA A 91 7.09 -2.78 17.19
CA ALA A 91 6.05 -2.31 18.09
C ALA A 91 4.69 -2.45 17.42
N VAL A 92 4.58 -2.11 16.13
CA VAL A 92 3.26 -2.19 15.52
C VAL A 92 2.83 -3.64 15.35
N ALA A 93 3.76 -4.53 15.04
CA ALA A 93 3.41 -5.95 14.85
C ALA A 93 2.89 -6.49 16.18
N ILE A 94 3.58 -6.13 17.26
CA ILE A 94 3.18 -6.55 18.59
C ILE A 94 1.81 -5.99 18.92
N CYS A 95 1.62 -4.71 18.65
CA CYS A 95 0.35 -4.08 18.96
C CYS A 95 -0.78 -4.67 18.17
N LEU A 96 -0.56 -4.88 16.87
CA LEU A 96 -1.58 -5.50 16.06
C LEU A 96 -1.97 -6.84 16.65
N ARG A 97 -0.97 -7.64 17.05
CA ARG A 97 -1.24 -8.96 17.64
C ARG A 97 -2.05 -8.80 18.92
N GLU A 98 -1.66 -7.85 19.75
CA GLU A 98 -2.32 -7.60 21.05
C GLU A 98 -3.79 -7.26 20.87
N ASN A 99 -4.12 -6.65 19.73
CA ASN A 99 -5.46 -6.17 19.49
C ASN A 99 -6.27 -7.00 18.50
N LEU A 100 -5.79 -8.22 18.23
CA LEU A 100 -6.52 -9.13 17.36
C LEU A 100 -7.91 -9.39 17.89
N ASN A 101 -8.05 -9.36 19.21
CA ASN A 101 -9.34 -9.61 19.86
C ASN A 101 -10.45 -8.64 19.49
N THR A 102 -10.11 -7.45 19.00
CA THR A 102 -11.14 -6.52 18.56
C THR A 102 -11.01 -6.18 17.08
N TYR A 103 -10.14 -6.90 16.38
CA TYR A 103 -10.02 -6.70 14.94
C TYR A 103 -11.39 -6.94 14.32
N ASN A 104 -11.78 -6.02 13.45
CA ASN A 104 -13.11 -6.07 12.87
C ASN A 104 -12.97 -5.97 11.37
N LYS A 105 -13.30 -7.06 10.68
CA LYS A 105 -13.21 -7.07 9.23
C LYS A 105 -13.96 -5.92 8.56
N LYS A 106 -14.91 -5.31 9.25
CA LYS A 106 -15.66 -4.20 8.66
C LYS A 106 -14.74 -3.01 8.37
N TYR A 107 -13.63 -2.95 9.10
CA TYR A 107 -12.68 -1.88 8.91
C TYR A 107 -11.61 -2.23 7.90
N ARG A 108 -11.59 -3.48 7.47
CA ARG A 108 -10.71 -3.89 6.41
C ARG A 108 -11.24 -3.20 5.15
N TYR A 109 -10.40 -2.41 4.49
CA TYR A 109 -10.76 -1.60 3.33
C TYR A 109 -11.64 -0.41 3.70
N TYR A 110 -11.39 0.15 4.88
CA TYR A 110 -12.13 1.32 5.30
C TYR A 110 -11.92 2.44 4.29
N LEU A 111 -12.96 3.23 4.05
CA LEU A 111 -12.84 4.36 3.13
C LEU A 111 -12.06 5.49 3.77
N LYS A 112 -10.76 5.48 3.50
CA LYS A 112 -9.84 6.34 4.22
C LYS A 112 -10.15 7.82 4.04
N PRO A 113 -10.63 8.22 2.85
CA PRO A 113 -11.05 9.62 2.65
C PRO A 113 -12.02 10.13 3.71
N LEU A 114 -12.84 9.23 4.24
CA LEU A 114 -13.87 9.59 5.24
C LEU A 114 -13.33 9.62 6.67
N CYS A 115 -12.03 9.38 6.81
CA CYS A 115 -11.40 9.45 8.12
C CYS A 115 -11.32 10.89 8.58
N LYS A 116 -11.54 11.24 10.09
CA LYS A 116 -11.16 12.58 10.51
C LYS A 116 -9.64 12.79 10.46
N LYS A 117 -9.24 14.04 10.31
CA LYS A 117 -7.84 14.38 10.33
C LYS A 117 -7.28 13.88 11.65
N ALA A 118 -6.07 13.33 11.59
CA ALA A 118 -5.39 12.90 12.80
C ALA A 118 -4.96 14.07 13.66
N ASP A 119 -4.92 13.80 14.97
CA ASP A 119 -4.34 14.74 15.94
C ASP A 119 -2.85 14.72 15.71
N ALA A 120 -2.15 15.72 16.23
CA ALA A 120 -0.70 15.72 16.24
C ALA A 120 -0.21 14.47 16.97
N CYS A 121 0.88 13.88 16.49
CA CYS A 121 1.48 12.76 17.19
C CYS A 121 1.89 13.10 18.62
N SER B 1 -4.13 10.98 -6.58
CA SER B 1 -3.62 10.30 -5.38
C SER B 1 -4.10 8.87 -5.34
N LEU B 2 -3.51 8.07 -4.45
CA LEU B 2 -3.98 6.70 -4.30
C LEU B 2 -5.49 6.57 -4.10
N PHE B 3 -6.12 7.58 -3.51
CA PHE B 3 -7.59 7.59 -3.34
C PHE B 3 -8.32 7.64 -4.68
N GLU B 4 -7.85 8.48 -5.59
CA GLU B 4 -8.48 8.55 -6.92
C GLU B 4 -8.19 7.26 -7.67
N LEU B 5 -6.96 6.78 -7.57
CA LEU B 5 -6.60 5.55 -8.24
C LEU B 5 -7.51 4.43 -7.77
N GLY B 6 -7.66 4.29 -6.46
CA GLY B 6 -8.49 3.18 -5.94
C GLY B 6 -9.91 3.28 -6.43
N LYS B 7 -10.44 4.50 -6.35
CA LYS B 7 -11.77 4.77 -6.80
C LYS B 7 -11.92 4.38 -8.27
N MET B 8 -11.00 4.81 -9.11
CA MET B 8 -11.14 4.48 -10.54
C MET B 8 -11.12 2.97 -10.77
N ILE B 9 -10.25 2.28 -10.05
CA ILE B 9 -10.15 0.85 -10.19
C ILE B 9 -11.48 0.19 -9.82
N LEU B 10 -12.05 0.65 -8.72
CA LEU B 10 -13.36 0.17 -8.27
C LEU B 10 -14.41 0.44 -9.35
N GLN B 11 -14.37 1.66 -9.87
CA GLN B 11 -15.33 2.07 -10.86
C GLN B 11 -15.25 1.25 -12.15
N GLU B 12 -14.04 1.04 -12.65
CA GLU B 12 -13.82 0.25 -13.87
C GLU B 12 -14.05 -1.23 -13.64
N THR B 13 -13.46 -1.77 -12.58
CA THR B 13 -13.45 -3.21 -12.43
C THR B 13 -14.63 -3.75 -11.63
N GLY B 14 -15.17 -2.94 -10.73
CA GLY B 14 -16.23 -3.37 -9.82
C GLY B 14 -15.60 -4.16 -8.69
N LYS B 15 -14.27 -4.16 -8.64
CA LYS B 15 -13.58 -4.95 -7.60
C LYS B 15 -13.02 -4.05 -6.50
N ASN B 16 -13.03 -4.57 -5.28
CA ASN B 16 -12.27 -3.99 -4.18
C ASN B 16 -10.82 -3.83 -4.62
N PRO B 17 -10.34 -2.59 -4.79
CA PRO B 17 -9.00 -2.45 -5.35
C PRO B 17 -7.91 -2.94 -4.42
N ALA B 18 -8.06 -2.75 -3.12
CA ALA B 18 -7.01 -3.17 -2.21
C ALA B 18 -6.95 -4.68 -2.22
N LYS B 19 -8.13 -5.31 -2.17
CA LYS B 19 -8.24 -6.77 -2.07
C LYS B 19 -7.69 -7.38 -3.36
N SER B 20 -8.18 -6.88 -4.48
CA SER B 20 -7.81 -7.49 -5.73
C SER B 20 -6.44 -7.09 -6.19
N TYR B 21 -5.99 -5.74 -6.04
CA TYR B 21 -4.80 -5.25 -6.70
C TYR B 21 -3.80 -4.63 -5.77
N GLY B 22 -4.06 -4.67 -4.47
CA GLY B 22 -3.13 -4.15 -3.47
C GLY B 22 -1.87 -4.99 -3.37
N ALA B 23 -1.98 -6.27 -3.69
CA ALA B 23 -0.83 -7.15 -3.79
C ALA B 23 -1.20 -8.19 -4.81
N TYR B 24 -0.77 -7.98 -6.03
CA TYR B 24 -1.07 -8.92 -7.07
C TYR B 24 0.12 -9.02 -7.97
N GLY B 25 0.60 -10.24 -8.14
CA GLY B 25 1.71 -10.48 -9.06
C GLY B 25 2.91 -9.65 -8.61
N CYS B 26 3.69 -9.23 -9.58
CA CYS B 26 4.97 -8.58 -9.32
C CYS B 26 4.87 -7.07 -9.34
N ASN B 27 3.73 -6.53 -9.75
CA ASN B 27 3.66 -5.09 -10.02
C ASN B 27 2.49 -4.37 -9.38
N CYS B 28 1.40 -5.08 -9.11
CA CYS B 28 0.27 -4.42 -8.48
C CYS B 28 0.52 -4.43 -7.00
N GLY B 29 0.72 -3.25 -6.43
CA GLY B 29 0.86 -3.17 -4.99
C GLY B 29 2.00 -2.30 -4.51
N VAL B 30 2.34 -2.49 -3.23
CA VAL B 30 3.27 -1.63 -2.47
C VAL B 30 4.73 -1.74 -2.85
N LEU B 31 5.11 -2.90 -3.38
CA LEU B 31 6.50 -3.15 -3.73
C LEU B 31 6.70 -2.66 -5.17
N GLY B 32 7.94 -2.39 -5.57
CA GLY B 32 8.20 -1.84 -6.91
C GLY B 32 7.71 -2.69 -8.08
N ARG B 33 8.54 -2.81 -9.12
CA ARG B 33 8.20 -3.57 -10.31
C ARG B 33 8.92 -4.92 -10.38
N GLY B 34 8.56 -5.70 -11.39
CA GLY B 34 9.12 -7.04 -11.64
C GLY B 34 8.54 -7.48 -12.98
N LYS B 35 9.11 -8.50 -13.60
CA LYS B 35 8.57 -9.04 -14.83
C LYS B 35 7.12 -9.47 -14.59
N PRO B 36 6.18 -9.03 -15.44
CA PRO B 36 4.76 -9.29 -15.14
C PRO B 36 4.35 -10.76 -15.20
N LYS B 37 3.52 -11.19 -14.26
CA LYS B 37 3.03 -12.58 -14.22
C LYS B 37 1.92 -12.86 -15.23
N ASP B 38 1.19 -11.82 -15.61
CA ASP B 38 0.05 -11.93 -16.49
C ASP B 38 -0.42 -10.53 -16.94
N ALA B 39 -1.51 -10.47 -17.70
CA ALA B 39 -1.94 -9.22 -18.31
C ALA B 39 -2.30 -8.22 -17.21
N THR B 40 -2.99 -8.68 -16.18
CA THR B 40 -3.34 -7.83 -15.07
C THR B 40 -2.08 -7.21 -14.50
N ASP B 41 -1.07 -8.05 -14.29
CA ASP B 41 0.16 -7.59 -13.67
C ASP B 41 0.86 -6.58 -14.58
N ARG B 42 0.80 -6.83 -15.88
CA ARG B 42 1.41 -5.94 -16.85
C ARG B 42 0.75 -4.55 -16.80
N CYS B 43 -0.54 -4.51 -16.57
CA CYS B 43 -1.22 -3.22 -16.42
C CYS B 43 -0.51 -2.42 -15.33
N CYS B 44 -0.22 -3.08 -14.21
CA CYS B 44 0.39 -2.42 -13.07
C CYS B 44 1.81 -2.03 -13.36
N TYR B 45 2.50 -2.88 -14.09
CA TYR B 45 3.82 -2.54 -14.62
C TYR B 45 3.76 -1.24 -15.41
N VAL B 46 2.88 -1.15 -16.40
CA VAL B 46 2.76 0.04 -17.24
C VAL B 46 2.46 1.24 -16.36
N HIS B 47 1.52 1.06 -15.44
CA HIS B 47 1.15 2.12 -14.50
C HIS B 47 2.33 2.66 -13.71
N LYS B 48 3.17 1.75 -13.22
CA LYS B 48 4.32 2.17 -12.45
C LYS B 48 5.34 2.94 -13.33
N CYS B 49 5.46 2.52 -14.59
CA CYS B 49 6.24 3.25 -15.57
C CYS B 49 5.60 4.59 -15.85
N CYS B 50 4.28 4.61 -15.92
CA CYS B 50 3.58 5.87 -16.11
C CYS B 50 3.95 6.86 -15.01
N TYR B 51 3.91 6.41 -13.77
CA TYR B 51 4.17 7.25 -12.61
C TYR B 51 5.62 7.71 -12.61
N LYS B 52 6.51 6.73 -12.76
CA LYS B 52 7.94 7.00 -12.75
C LYS B 52 8.25 8.08 -13.77
N LYS B 53 7.66 8.52 -15.17
CA LYS B 53 7.71 9.52 -16.22
C LYS B 53 7.15 10.85 -15.70
N LEU B 54 6.34 10.82 -14.65
CA LEU B 54 5.69 12.03 -14.18
C LEU B 54 6.66 12.95 -13.44
N THR B 55 6.54 14.24 -13.67
CA THR B 55 7.25 15.24 -12.86
C THR B 55 6.31 16.35 -12.48
N GLY B 56 6.56 16.97 -11.33
CA GLY B 56 5.79 18.15 -10.98
C GLY B 56 4.68 17.93 -9.97
N CYS B 57 4.42 16.67 -9.67
CA CYS B 57 3.37 16.26 -8.75
C CYS B 57 3.62 14.82 -8.35
N ASN B 58 3.03 14.64 -6.99
CA ASN B 58 3.32 13.41 -6.32
C ASN B 58 2.23 12.40 -6.60
N PRO B 59 2.55 11.34 -7.35
CA PRO B 59 1.50 10.45 -7.82
C PRO B 59 0.70 9.80 -6.71
N LYS B 60 1.34 9.53 -5.58
CA LYS B 60 0.67 8.83 -4.51
C LYS B 60 -0.19 9.79 -3.71
N LYS B 61 0.29 11.01 -3.54
CA LYS B 61 -0.32 11.88 -2.57
C LYS B 61 -1.23 12.92 -3.12
N ASP B 62 -0.98 13.38 -4.35
CA ASP B 62 -1.67 14.54 -4.83
C ASP B 62 -3.06 14.23 -5.36
N ARG B 63 -4.06 14.85 -4.76
CA ARG B 63 -5.45 14.70 -5.25
C ARG B 63 -5.58 15.38 -6.59
N TYR B 64 -6.55 14.92 -7.36
CA TYR B 64 -6.87 15.59 -8.59
C TYR B 64 -8.34 15.37 -8.84
N SER B 65 -8.88 16.13 -9.78
CA SER B 65 -10.28 16.08 -10.09
C SER B 65 -10.55 15.14 -11.23
N TYR B 66 -11.59 14.33 -11.08
CA TYR B 66 -12.08 13.65 -12.25
C TYR B 66 -13.53 13.41 -12.09
N SER B 67 -14.15 13.04 -13.18
CA SER B 67 -15.58 12.80 -13.10
C SER B 67 -15.87 11.47 -13.74
N TRP B 68 -17.07 11.00 -13.48
CA TRP B 68 -17.54 9.72 -14.01
C TRP B 68 -18.68 10.16 -14.90
N LYS B 69 -18.44 10.18 -16.20
CA LYS B 69 -19.45 10.68 -17.13
C LYS B 69 -19.71 9.61 -18.16
N ASP B 70 -20.97 9.26 -18.37
CA ASP B 70 -21.33 8.12 -19.19
C ASP B 70 -20.44 6.92 -18.94
N LYS B 71 -20.26 6.66 -17.65
CA LYS B 71 -19.49 5.53 -17.12
C LYS B 71 -18.11 5.52 -17.71
N THR B 72 -17.58 6.71 -17.90
CA THR B 72 -16.21 6.88 -18.34
C THR B 72 -15.49 7.77 -17.35
N ILE B 73 -14.22 7.49 -17.11
CA ILE B 73 -13.40 8.35 -16.26
C ILE B 73 -12.96 9.52 -17.13
N VAL B 74 -13.24 10.73 -16.67
CA VAL B 74 -12.86 11.90 -17.43
C VAL B 74 -11.96 12.74 -16.58
N CYS B 75 -10.71 12.85 -16.98
CA CYS B 75 -9.76 13.57 -16.19
C CYS B 75 -9.98 15.07 -16.37
N GLY B 76 -10.18 15.91 -15.03
CA GLY B 76 -10.69 17.27 -15.16
C GLY B 76 -9.63 18.28 -14.78
N GLU B 77 -8.39 17.96 -15.13
CA GLU B 77 -7.27 18.82 -14.78
C GLU B 77 -6.64 19.42 -16.03
N ASN B 78 -6.23 20.68 -15.93
CA ASN B 78 -5.47 21.33 -17.00
C ASN B 78 -4.00 21.13 -16.72
N ASN B 79 -3.68 21.16 -15.44
CA ASN B 79 -2.31 21.10 -14.97
C ASN B 79 -1.65 19.83 -15.42
N SER B 80 -0.54 19.99 -16.15
CA SER B 80 0.04 18.89 -16.90
C SER B 80 0.31 17.65 -16.05
N CYS B 81 0.85 17.80 -14.84
CA CYS B 81 1.21 16.62 -14.04
C CYS B 81 -0.04 15.96 -13.53
N LEU B 82 -0.97 16.74 -12.96
CA LEU B 82 -2.15 16.12 -12.34
C LEU B 82 -3.00 15.47 -13.42
N LYS B 83 -3.01 16.10 -14.59
CA LYS B 83 -3.73 15.51 -15.73
C LYS B 83 -3.08 14.21 -16.14
N GLU B 84 -1.76 14.25 -16.33
CA GLU B 84 -1.03 13.06 -16.71
C GLU B 84 -1.19 11.94 -15.68
N LEU B 85 -1.24 12.33 -14.41
CA LEU B 85 -1.40 11.42 -13.28
C LEU B 85 -2.77 10.79 -13.34
N CYS B 86 -3.76 11.65 -13.54
CA CYS B 86 -5.12 11.19 -13.72
C CYS B 86 -5.15 10.17 -14.87
N GLU B 87 -4.45 10.46 -15.96
CA GLU B 87 -4.56 9.58 -17.10
C GLU B 87 -3.79 8.29 -16.86
N CYS B 88 -2.71 8.37 -16.08
CA CYS B 88 -2.01 7.14 -15.69
C CYS B 88 -2.99 6.22 -14.98
N ASP B 89 -3.66 6.81 -14.00
CA ASP B 89 -4.57 6.05 -13.16
C ASP B 89 -5.76 5.53 -13.93
N LYS B 90 -6.33 6.37 -14.79
CA LYS B 90 -7.44 5.93 -15.61
C LYS B 90 -6.99 4.77 -16.47
N ALA B 91 -5.82 4.89 -17.07
CA ALA B 91 -5.33 3.81 -17.92
C ALA B 91 -5.17 2.50 -17.18
N VAL B 92 -4.63 2.53 -15.96
CA VAL B 92 -4.48 1.27 -15.26
C VAL B 92 -5.84 0.71 -14.91
N ALA B 93 -6.76 1.57 -14.51
CA ALA B 93 -8.08 1.10 -14.13
C ALA B 93 -8.76 0.43 -15.31
N ILE B 94 -8.65 1.07 -16.48
CA ILE B 94 -9.22 0.49 -17.69
C ILE B 94 -8.54 -0.82 -18.02
N CYS B 95 -7.21 -0.82 -17.93
CA CYS B 95 -6.40 -2.01 -18.23
C CYS B 95 -6.80 -3.17 -17.33
N LEU B 96 -6.90 -2.88 -16.04
CA LEU B 96 -7.32 -3.90 -15.09
C LEU B 96 -8.69 -4.48 -15.43
N ARG B 97 -9.64 -3.60 -15.72
CA ARG B 97 -10.96 -4.06 -16.16
C ARG B 97 -10.84 -4.95 -17.42
N GLU B 98 -10.10 -4.48 -18.40
CA GLU B 98 -9.96 -5.19 -19.66
C GLU B 98 -9.46 -6.60 -19.42
N ASN B 99 -8.68 -6.78 -18.35
CA ASN B 99 -8.00 -8.04 -18.12
C ASN B 99 -8.53 -8.86 -16.97
N LEU B 100 -9.73 -8.49 -16.51
CA LEU B 100 -10.38 -9.22 -15.45
C LEU B 100 -10.59 -10.65 -15.91
N ASN B 101 -10.76 -10.83 -17.22
CA ASN B 101 -11.00 -12.17 -17.73
C ASN B 101 -9.82 -13.11 -17.56
N THR B 102 -8.62 -12.59 -17.32
CA THR B 102 -7.49 -13.48 -16.94
C THR B 102 -6.97 -13.25 -15.51
N TYR B 103 -7.63 -12.39 -14.75
CA TYR B 103 -7.29 -12.23 -13.34
C TYR B 103 -7.19 -13.60 -12.68
N ASN B 104 -6.11 -13.85 -11.95
CA ASN B 104 -5.94 -15.13 -11.28
C ASN B 104 -5.55 -14.95 -9.83
N LYS B 105 -6.45 -15.35 -8.95
CA LYS B 105 -6.29 -15.19 -7.51
C LYS B 105 -4.97 -15.74 -6.98
N LYS B 106 -4.40 -16.71 -7.70
CA LYS B 106 -3.16 -17.33 -7.25
C LYS B 106 -2.01 -16.34 -7.30
N TYR B 107 -2.22 -15.22 -7.99
CA TYR B 107 -1.20 -14.17 -8.00
C TYR B 107 -1.43 -13.14 -6.92
N ARG B 108 -2.55 -13.24 -6.22
CA ARG B 108 -2.75 -12.40 -5.05
C ARG B 108 -1.69 -12.76 -4.00
N TYR B 109 -1.07 -11.72 -3.43
CA TYR B 109 -0.06 -11.85 -2.38
C TYR B 109 1.14 -12.62 -2.83
N TYR B 110 1.42 -12.53 -4.12
CA TYR B 110 2.58 -13.18 -4.72
C TYR B 110 3.86 -12.77 -4.01
N LEU B 111 4.75 -13.73 -3.79
CA LEU B 111 6.02 -13.46 -3.12
C LEU B 111 7.01 -12.77 -4.06
N LYS B 112 7.39 -11.55 -3.72
CA LYS B 112 8.29 -10.74 -4.55
C LYS B 112 9.57 -11.44 -5.00
N PRO B 113 10.25 -12.14 -4.08
CA PRO B 113 11.44 -12.89 -4.49
C PRO B 113 11.19 -13.97 -5.56
N LEU B 114 9.95 -14.27 -5.91
CA LEU B 114 9.69 -15.18 -7.04
C LEU B 114 9.64 -14.40 -8.40
N CYS B 115 9.75 -13.07 -8.35
CA CYS B 115 9.64 -12.14 -9.57
C CYS B 115 11.00 -11.80 -10.39
N LYS B 116 11.13 -12.01 -11.82
CA LYS B 116 12.44 -11.55 -12.58
C LYS B 116 12.51 -10.01 -12.47
N LYS B 117 13.70 -9.44 -12.50
CA LYS B 117 13.84 -7.96 -12.38
C LYS B 117 13.20 -7.29 -13.59
N ALA B 118 12.45 -6.22 -13.34
CA ALA B 118 11.72 -5.55 -14.40
C ALA B 118 12.69 -4.87 -15.35
N ASP B 119 12.38 -4.92 -16.65
CA ASP B 119 13.10 -4.12 -17.63
C ASP B 119 12.97 -2.64 -17.26
N ALA B 120 13.87 -1.82 -17.78
CA ALA B 120 13.76 -0.37 -17.60
C ALA B 120 12.46 0.06 -18.26
N CYS B 121 11.81 1.05 -17.69
CA CYS B 121 10.60 1.59 -18.30
C CYS B 121 10.90 2.17 -19.68
O22 P33 C . 9.03 -14.25 4.49
C21 P33 C . 7.61 -14.25 4.40
C20 P33 C . 7.10 -12.83 4.60
O19 P33 C . 5.69 -12.79 4.39
C18 P33 C . 5.36 -11.75 3.48
C17 P33 C . 4.66 -10.61 4.21
O16 P33 C . 5.17 -9.37 3.72
C15 P33 C . 4.15 -8.52 3.21
C14 P33 C . 4.77 -7.18 2.81
O13 P33 C . 3.82 -6.12 2.95
C12 P33 C . 2.95 -6.27 4.05
C11 P33 C . 2.90 -4.95 4.82
O10 P33 C . 1.61 -4.34 4.68
C9 P33 C . 0.93 -4.22 5.93
C8 P33 C . 1.51 -3.07 6.74
O7 P33 C . 0.45 -2.36 7.40
C6 P33 C . 0.85 -1.75 8.62
C5 P33 C . 0.08 -0.46 8.77
O4 P33 C . 0.70 0.55 7.96
C3 P33 C . 0.10 1.80 8.13
C2 P33 C . -0.08 2.05 9.62
O1 P33 C . 1.18 2.00 10.29
C1 IPA D . -8.89 -13.17 8.23
C2 IPA D . -9.82 -13.90 7.27
C3 IPA D . -10.01 -13.10 6.00
O2 IPA D . -11.09 -14.04 7.88
C1 IPA E . -5.36 -15.71 5.25
C2 IPA E . -5.12 -15.58 6.75
C3 IPA E . -6.40 -15.83 7.57
O2 IPA E . -4.64 -14.30 7.04
O35 SVR F . -0.51 13.36 4.52
S31 SVR F . 0.50 12.74 3.63
O36 SVR F . -0.19 12.16 2.45
O34 SVR F . 1.56 13.71 3.23
C22 SVR F . 1.17 11.57 4.46
C18 SVR F . 1.83 10.55 3.81
C11 SVR F . 2.40 9.52 4.53
S17 SVR F . 3.16 8.43 3.61
O23 SVR F . 4.62 8.46 3.84
O24 SVR F . 2.66 7.05 3.85
O25 SVR F . 2.90 8.80 2.20
C16 SVR F . 1.05 11.61 5.83
C10 SVR F . 1.62 10.61 6.60
C15 SVR F . 1.47 10.70 7.99
S21 SVR F . 0.68 11.91 8.76
O28 SVR F . 1.32 13.20 8.38
O29 SVR F . -0.76 11.98 8.41
O30 SVR F . 0.83 11.69 10.20
C12 SVR F . 2.02 9.68 8.75
C7 SVR F . 2.70 8.64 8.15
C6 SVR F . 2.30 9.55 5.95
C3 SVR F . 2.86 8.57 6.76
N1 SVR F . 3.52 7.43 6.26
C2 SVR F . 4.69 6.93 6.63
O4 SVR F . 5.41 7.42 7.46
C5 SVR F . 5.13 5.67 5.96
C8 SVR F . 4.21 4.63 5.83
C9 SVR F . 6.45 5.53 5.53
C14 SVR F . 6.85 4.35 4.92
C20 SVR F . 5.93 3.30 4.79
C27 SVR F . 6.36 2.02 4.14
C13 SVR F . 4.62 3.45 5.24
N19 SVR F . 3.72 2.39 5.08
C26 SVR F . 3.13 2.19 3.90
O32 SVR F . 3.32 2.91 2.94
C33 SVR F . 2.18 1.03 3.79
C37 SVR F . 1.74 0.61 2.53
C38 SVR F . 1.77 0.35 4.93
C40 SVR F . 0.90 -0.73 4.82
C42 SVR F . 0.45 -1.14 3.57
C39 SVR F . 0.88 -0.48 2.43
N41 SVR F . 0.39 -0.91 1.19
C43 SVR F . 0.37 -0.13 0.11
O45 SVR F . 0.80 1.03 0.15
N44 SVR F . -0.12 -0.65 -1.00
C46 SVR F . -0.18 0.14 -2.16
C47 SVR F . 0.96 0.47 -2.88
C48 SVR F . -1.42 0.59 -2.55
C50 SVR F . -1.57 1.37 -3.69
C52 SVR F . -0.43 1.71 -4.42
C49 SVR F . 0.82 1.27 -4.01
C51 SVR F . 1.96 1.66 -4.88
O54 SVR F . 3.14 1.53 -4.54
N53 SVR F . 1.55 2.14 -6.02
C55 SVR F . 2.27 2.60 -7.12
C56 SVR F . 3.66 2.69 -7.21
C57 SVR F . 1.47 2.91 -8.19
C59 SVR F . -0.01 2.77 -8.00
C60 SVR F . 2.00 3.36 -9.37
C62 SVR F . 3.38 3.48 -9.47
C58 SVR F . 4.20 3.18 -8.40
C61 SVR F . 5.67 3.28 -8.66
O64 SVR F . 6.16 4.23 -9.23
N63 SVR F . 6.34 2.22 -8.25
C65 SVR F . 7.69 1.95 -8.45
C67 SVR F . 7.91 1.65 -9.77
C70 SVR F . 9.16 1.32 -10.25
C71 SVR F . 10.20 1.27 -9.35
S75 SVR F . 11.63 0.87 -9.94
O80 SVR F . 12.68 1.80 -9.47
O81 SVR F . 11.96 -0.50 -9.49
O82 SVR F . 11.55 0.90 -11.41
C66 SVR F . 8.72 1.89 -7.50
C68 SVR F . 9.99 1.55 -8.00
C72 SVR F . 11.08 1.48 -7.15
C69 SVR F . 8.59 2.16 -6.12
S73 SVR F . 7.21 2.57 -5.41
O77 SVR F . 6.60 3.75 -6.04
O78 SVR F . 6.25 1.43 -5.45
O79 SVR F . 7.50 2.91 -4.00
C74 SVR F . 9.71 2.09 -5.29
C76 SVR F . 10.95 1.74 -5.80
S83 SVR F . 12.24 1.64 -4.88
O85 SVR F . 13.23 0.77 -5.56
O86 SVR F . 12.85 2.99 -4.69
O84 SVR F . 11.89 1.06 -3.57
O22 P33 G . -14.22 6.10 -2.56
C21 P33 G . -13.12 5.26 -2.91
C20 P33 G . -13.69 3.98 -3.51
O19 P33 G . -12.97 2.85 -3.02
C18 P33 G . -11.67 2.77 -3.58
C17 P33 G . -10.67 2.53 -2.45
O16 P33 G . -9.52 3.36 -2.62
C15 P33 G . -8.35 2.66 -2.22
C14 P33 G . -7.13 3.56 -2.31
O13 P33 G . -6.08 2.88 -2.99
C12 P33 G . -6.49 1.63 -3.55
C11 P33 G . -5.44 1.17 -4.57
O10 P33 G . -4.76 0.03 -4.04
C9 P33 G . -4.48 -0.95 -5.05
C8 P33 G . -3.00 -0.87 -5.43
O7 P33 G . -2.76 -1.54 -6.66
C6 P33 G . -3.05 -0.75 -7.81
C5 P33 G . -1.82 -0.84 -8.71
O4 P33 G . -0.67 -0.95 -7.87
C3 P33 G . 0.50 -0.80 -8.64
C2 P33 G . -0.02 -0.26 -9.98
O1 P33 G . 1.06 -0.04 -10.87
C1 IPA H . 6.36 16.20 -17.32
C2 IPA H . 4.89 16.03 -16.94
C3 IPA H . 4.37 17.31 -16.30
O2 IPA H . 4.75 14.94 -16.04
C1 IPA I . -14.76 -8.20 -2.87
C2 IPA I . -14.53 -7.96 -4.36
C3 IPA I . -13.05 -7.93 -4.71
O2 IPA I . -15.06 -6.71 -4.66
C1 IPA J . -12.59 -11.22 -5.23
C2 IPA J . -13.01 -12.54 -4.60
C3 IPA J . -14.46 -12.46 -4.12
O2 IPA J . -12.18 -12.81 -3.49
#